data_2OLB
#
_entry.id   2OLB
#
_cell.length_a   109.190
_cell.length_b   76.040
_cell.length_c   70.280
_cell.angle_alpha   90.00
_cell.angle_beta   90.00
_cell.angle_gamma   90.00
#
_symmetry.space_group_name_H-M   'P 21 21 21'
#
loop_
_entity.id
_entity.type
_entity.pdbx_description
1 polymer 'OLIGO-PEPTIDE BINDING PROTEIN'
2 polymer 'TRIPEPTIDE LYS-LYS-LYS'
3 non-polymer 'URANYL (VI) ION'
4 non-polymer 'ACETATE ION'
5 water water
#
loop_
_entity_poly.entity_id
_entity_poly.type
_entity_poly.pdbx_seq_one_letter_code
_entity_poly.pdbx_strand_id
1 'polypeptide(L)'
;ADVPAGVQLADKQTLVRNNGSEVQSLDPHKIEGVPESNVSRDLFEGLLISDVEGHPSPGVAEKWENKDFKVWTFHLRENA
KWSDGTPVTAHDFVYSWQRLADPNTASPYASYLQYGHIANIDDIIAGKKPATDLGVKALDDHTFEVTLSEPVPYFYKLLV
HPSVSPVPKSAVEKFGDKWTQPANIVTNGAYKLKNWVVNERIVLERNPQYWDNAKTVINQVTYLPISSEVTDVNRYRSGE
IDMTYNNMPIELFQKLKKEIPNEVRVDPYLCTYYYEINNQKAPFNDVRVRTALKLALDRDIIVNKVKNQGDLPAYSYTPP
YTDGAKLVEPEWFKWSQQKRNEEAKKLLAEAGFTADKPLTFDLLYNTSDLHKKLAIAVASIWKKNLGVNVNLENQEWKTF
LDTRHQGTFDVARAGWCADYNEPTSFLNTMLSDSSNNTAHYKSPAFDKLIADTLKVADDTQRSELYAKAEQQLDKDSAIV
PVYYYVNARLVKPWVGGYTGKDPLDNIYVKNLYIIKH
;
A
2 'polypeptide(L)' KKK B
#
# COMPACT_ATOMS: atom_id res chain seq x y z
N ALA A 1 2.60 18.32 15.12
CA ALA A 1 2.75 17.47 16.31
C ALA A 1 2.08 18.14 17.52
N ASP A 2 1.56 17.33 18.41
CA ASP A 2 0.94 17.86 19.65
C ASP A 2 1.76 17.30 20.80
N VAL A 3 2.74 18.09 21.24
CA VAL A 3 3.63 17.66 22.34
C VAL A 3 2.93 17.77 23.68
N PRO A 4 2.80 16.65 24.38
CA PRO A 4 2.15 16.60 25.68
C PRO A 4 2.82 17.56 26.66
N ALA A 5 2.01 18.17 27.54
CA ALA A 5 2.54 19.12 28.53
C ALA A 5 3.44 18.32 29.48
N GLY A 6 4.63 18.83 29.81
CA GLY A 6 5.47 17.97 30.73
C GLY A 6 6.66 17.43 29.94
N VAL A 7 6.43 17.14 28.64
CA VAL A 7 7.52 16.61 27.85
C VAL A 7 8.59 17.61 27.56
N GLN A 8 9.81 17.15 27.78
CA GLN A 8 10.96 18.01 27.48
C GLN A 8 11.45 17.56 26.09
N LEU A 9 11.60 18.51 25.17
CA LEU A 9 12.07 18.21 23.83
C LEU A 9 13.58 18.30 23.71
N ALA A 10 14.14 17.42 22.92
CA ALA A 10 15.57 17.39 22.66
C ALA A 10 15.93 18.66 21.89
N ASP A 11 17.17 19.12 22.00
CA ASP A 11 17.62 20.30 21.30
C ASP A 11 17.59 20.08 19.79
N LYS A 12 18.07 18.91 19.39
CA LYS A 12 18.12 18.57 17.97
C LYS A 12 16.90 17.75 17.60
N GLN A 13 16.06 18.31 16.74
CA GLN A 13 14.83 17.58 16.33
C GLN A 13 15.04 17.00 14.94
N THR A 14 15.75 15.86 14.95
CA THR A 14 16.04 15.18 13.69
C THR A 14 15.66 13.72 13.91
N LEU A 15 15.25 13.09 12.80
CA LEU A 15 14.81 11.71 12.84
C LEU A 15 15.39 10.93 11.68
N VAL A 16 15.70 9.68 11.93
CA VAL A 16 16.24 8.79 10.88
C VAL A 16 15.31 7.58 10.88
N ARG A 17 14.69 7.33 9.71
CA ARG A 17 13.78 6.23 9.51
C ARG A 17 14.27 5.29 8.41
N ASN A 18 14.22 3.98 8.65
CA ASN A 18 14.60 3.07 7.58
C ASN A 18 13.28 2.98 6.73
N ASN A 19 13.45 2.83 5.43
CA ASN A 19 12.32 2.80 4.50
C ASN A 19 12.27 1.58 3.61
N GLY A 20 12.97 0.53 3.93
CA GLY A 20 12.94 -0.73 3.23
C GLY A 20 13.65 -0.87 1.93
N SER A 21 13.64 0.15 1.09
CA SER A 21 14.28 0.10 -0.19
C SER A 21 14.30 1.48 -0.84
N GLU A 22 14.99 1.53 -1.98
CA GLU A 22 15.04 2.78 -2.76
C GLU A 22 13.63 2.95 -3.37
N VAL A 23 13.09 4.18 -3.27
CA VAL A 23 11.74 4.40 -3.79
C VAL A 23 11.69 4.31 -5.32
N GLN A 24 10.51 3.96 -5.79
CA GLN A 24 10.35 3.91 -7.24
C GLN A 24 10.48 5.35 -7.78
N SER A 25 9.94 6.30 -7.01
CA SER A 25 9.94 7.68 -7.46
C SER A 25 9.40 8.57 -6.35
N LEU A 26 9.54 9.89 -6.53
CA LEU A 26 8.99 10.87 -5.61
C LEU A 26 7.75 11.57 -6.26
N ASP A 27 7.44 11.15 -7.51
CA ASP A 27 6.26 11.71 -8.21
C ASP A 27 5.04 10.96 -7.74
N PRO A 28 4.06 11.59 -7.13
CA PRO A 28 2.87 10.93 -6.63
C PRO A 28 2.11 10.13 -7.65
N HIS A 29 2.29 10.40 -8.94
CA HIS A 29 1.55 9.67 -9.95
C HIS A 29 2.32 8.51 -10.51
N LYS A 30 3.53 8.31 -10.00
CA LYS A 30 4.36 7.22 -10.54
C LYS A 30 4.66 6.21 -9.45
N ILE A 31 3.94 6.24 -8.36
CA ILE A 31 4.28 5.31 -7.26
C ILE A 31 3.14 4.37 -6.93
N GLU A 32 3.54 3.22 -6.31
CA GLU A 32 2.49 2.26 -5.92
C GLU A 32 2.72 1.63 -4.55
N GLY A 33 3.95 1.80 -3.98
CA GLY A 33 4.25 1.14 -2.73
C GLY A 33 4.28 1.86 -1.42
N VAL A 34 4.55 1.07 -0.37
CA VAL A 34 4.64 1.57 1.00
C VAL A 34 5.84 2.45 1.17
N PRO A 35 7.02 2.06 0.73
CA PRO A 35 8.21 2.90 0.84
C PRO A 35 7.99 4.23 0.16
N GLU A 36 7.38 4.20 -1.06
CA GLU A 36 7.12 5.44 -1.78
C GLU A 36 6.12 6.36 -1.05
N SER A 37 5.08 5.75 -0.48
CA SER A 37 4.05 6.54 0.23
C SER A 37 4.54 7.13 1.49
N ASN A 38 5.54 6.42 2.13
CA ASN A 38 6.09 6.91 3.41
C ASN A 38 6.71 8.29 3.21
N VAL A 39 7.50 8.41 2.12
CA VAL A 39 8.12 9.70 1.82
C VAL A 39 7.09 10.68 1.27
N SER A 40 6.19 10.19 0.41
CA SER A 40 5.16 11.08 -0.20
C SER A 40 4.34 11.80 0.83
N ARG A 41 3.92 11.17 1.93
CA ARG A 41 3.13 11.82 2.95
C ARG A 41 3.81 13.05 3.56
N ASP A 42 5.18 13.03 3.62
CA ASP A 42 5.86 14.19 4.19
C ASP A 42 6.03 15.33 3.18
N LEU A 43 6.00 15.01 1.90
CA LEU A 43 6.18 16.01 0.85
C LEU A 43 4.96 16.57 0.17
N PHE A 44 3.94 15.74 -0.07
CA PHE A 44 2.74 16.19 -0.80
C PHE A 44 1.51 15.93 0.01
N GLU A 45 0.69 16.99 0.10
CA GLU A 45 -0.53 16.90 0.90
C GLU A 45 -1.78 17.11 0.06
N GLY A 46 -2.66 16.13 0.08
CA GLY A 46 -3.91 16.17 -0.67
C GLY A 46 -5.01 16.89 0.13
N LEU A 47 -6.26 16.65 -0.33
CA LEU A 47 -7.45 17.28 0.27
C LEU A 47 -7.59 16.98 1.75
N LEU A 48 -7.46 15.70 2.08
CA LEU A 48 -7.55 15.18 3.44
C LEU A 48 -6.22 14.43 3.77
N ILE A 49 -5.98 14.32 5.09
CA ILE A 49 -4.79 13.59 5.57
C ILE A 49 -5.30 12.71 6.73
N SER A 50 -4.52 11.71 7.12
CA SER A 50 -4.95 10.89 8.27
C SER A 50 -4.40 11.63 9.50
N ASP A 51 -5.17 11.66 10.56
CA ASP A 51 -4.66 12.30 11.81
C ASP A 51 -3.70 11.22 12.40
N VAL A 52 -3.15 11.49 13.59
CA VAL A 52 -2.23 10.53 14.25
C VAL A 52 -2.81 9.20 14.60
N GLU A 53 -4.13 8.99 14.55
CA GLU A 53 -4.78 7.73 14.83
C GLU A 53 -5.38 7.12 13.56
N GLY A 54 -5.10 7.76 12.41
CA GLY A 54 -5.58 7.24 11.15
C GLY A 54 -6.89 7.72 10.62
N HIS A 55 -7.59 8.59 11.35
CA HIS A 55 -8.88 9.08 10.89
C HIS A 55 -8.73 10.13 9.77
N PRO A 56 -9.55 10.03 8.74
CA PRO A 56 -9.55 11.02 7.63
C PRO A 56 -9.76 12.36 8.29
N SER A 57 -8.95 13.37 7.99
CA SER A 57 -9.05 14.68 8.63
C SER A 57 -8.65 15.74 7.63
N PRO A 58 -8.86 17.00 7.97
CA PRO A 58 -8.55 18.06 7.04
C PRO A 58 -7.11 18.11 6.61
N GLY A 59 -6.93 18.26 5.28
CA GLY A 59 -5.57 18.40 4.74
C GLY A 59 -5.59 19.82 4.12
N VAL A 60 -5.42 19.90 2.79
CA VAL A 60 -5.54 21.23 2.13
C VAL A 60 -7.01 21.67 2.29
N ALA A 61 -7.98 20.75 2.27
CA ALA A 61 -9.38 21.10 2.43
C ALA A 61 -9.67 21.25 3.92
N GLU A 62 -10.22 22.42 4.30
CA GLU A 62 -10.53 22.59 5.74
C GLU A 62 -11.92 22.06 6.07
N LYS A 63 -12.78 22.03 5.04
CA LYS A 63 -14.13 21.56 5.23
C LYS A 63 -14.66 21.08 3.86
N TRP A 64 -15.68 20.24 3.92
CA TRP A 64 -16.25 19.68 2.69
C TRP A 64 -17.67 19.21 2.93
N GLU A 65 -18.45 19.12 1.86
CA GLU A 65 -19.84 18.68 1.91
C GLU A 65 -20.09 17.76 0.71
N ASN A 66 -21.18 17.03 0.73
CA ASN A 66 -21.52 16.18 -0.39
C ASN A 66 -23.03 16.35 -0.68
N LYS A 67 -23.35 16.16 -1.93
CA LYS A 67 -24.74 16.21 -2.39
C LYS A 67 -25.02 14.77 -2.87
N ASP A 68 -25.83 14.03 -2.14
CA ASP A 68 -26.19 12.67 -2.46
C ASP A 68 -25.02 11.68 -2.64
N PHE A 69 -23.88 12.00 -2.00
CA PHE A 69 -22.67 11.20 -2.07
C PHE A 69 -22.14 11.15 -3.50
N LYS A 70 -22.58 12.07 -4.38
CA LYS A 70 -22.21 12.14 -5.75
C LYS A 70 -21.48 13.40 -6.11
N VAL A 71 -21.80 14.53 -5.48
CA VAL A 71 -21.09 15.78 -5.78
C VAL A 71 -20.42 16.18 -4.46
N TRP A 72 -19.09 16.15 -4.47
CA TRP A 72 -18.31 16.49 -3.28
C TRP A 72 -17.64 17.81 -3.40
N THR A 73 -17.85 18.74 -2.50
CA THR A 73 -17.23 20.07 -2.58
C THR A 73 -16.28 20.29 -1.41
N PHE A 74 -15.04 20.60 -1.80
CA PHE A 74 -13.96 20.81 -0.83
C PHE A 74 -13.56 22.28 -0.75
N HIS A 75 -13.57 22.82 0.43
CA HIS A 75 -13.22 24.21 0.70
C HIS A 75 -11.78 24.21 1.18
N LEU A 76 -10.90 24.69 0.31
CA LEU A 76 -9.47 24.73 0.57
C LEU A 76 -9.05 25.88 1.43
N ARG A 77 -8.22 25.59 2.44
CA ARG A 77 -7.79 26.66 3.35
C ARG A 77 -7.01 27.70 2.55
N GLU A 78 -7.29 28.97 2.89
CA GLU A 78 -6.64 30.06 2.18
C GLU A 78 -5.14 30.16 2.27
N ASN A 79 -4.57 29.65 3.38
CA ASN A 79 -3.13 29.70 3.60
C ASN A 79 -2.33 28.50 3.14
N ALA A 80 -2.97 27.61 2.37
CA ALA A 80 -2.20 26.43 1.88
C ALA A 80 -1.21 27.01 0.85
N LYS A 81 0.05 26.63 0.98
CA LYS A 81 1.11 27.06 0.11
C LYS A 81 2.15 25.97 -0.25
N TRP A 82 2.75 26.14 -1.40
CA TRP A 82 3.80 25.30 -1.93
C TRP A 82 5.09 25.81 -1.25
N SER A 83 6.13 25.02 -1.33
CA SER A 83 7.40 25.37 -0.71
C SER A 83 8.02 26.62 -1.29
N ASP A 84 7.56 27.07 -2.45
CA ASP A 84 8.10 28.27 -3.08
C ASP A 84 7.29 29.51 -2.71
N GLY A 85 6.32 29.33 -1.82
CA GLY A 85 5.48 30.39 -1.35
C GLY A 85 4.24 30.58 -2.22
N THR A 86 4.10 29.86 -3.32
CA THR A 86 2.88 30.06 -4.15
C THR A 86 1.72 29.33 -3.52
N PRO A 87 0.51 29.85 -3.61
CA PRO A 87 -0.65 29.24 -3.02
C PRO A 87 -1.02 27.91 -3.64
N VAL A 88 -1.59 27.09 -2.74
CA VAL A 88 -2.08 25.78 -3.21
C VAL A 88 -3.56 26.13 -3.59
N THR A 89 -3.91 25.82 -4.83
CA THR A 89 -5.28 26.16 -5.26
C THR A 89 -6.02 24.95 -5.80
N ALA A 90 -7.36 25.14 -5.99
CA ALA A 90 -8.17 24.08 -6.55
C ALA A 90 -7.69 23.69 -7.96
N HIS A 91 -7.08 24.66 -8.66
CA HIS A 91 -6.56 24.41 -10.00
C HIS A 91 -5.41 23.38 -9.94
N ASP A 92 -4.66 23.40 -8.82
CA ASP A 92 -3.57 22.40 -8.73
C ASP A 92 -4.20 21.00 -8.66
N PHE A 93 -5.34 20.89 -7.98
CA PHE A 93 -6.04 19.61 -7.88
C PHE A 93 -6.61 19.17 -9.20
N VAL A 94 -7.20 20.16 -9.96
CA VAL A 94 -7.77 19.80 -11.27
C VAL A 94 -6.65 19.28 -12.16
N TYR A 95 -5.56 20.01 -12.24
CA TYR A 95 -4.45 19.57 -13.08
C TYR A 95 -3.92 18.19 -12.66
N SER A 96 -3.71 18.05 -11.34
CA SER A 96 -3.17 16.81 -10.82
C SER A 96 -4.03 15.58 -11.06
N TRP A 97 -5.35 15.68 -10.80
CA TRP A 97 -6.22 14.51 -11.00
C TRP A 97 -6.34 14.20 -12.48
N GLN A 98 -6.26 15.25 -13.33
CA GLN A 98 -6.30 15.00 -14.79
C GLN A 98 -5.04 14.25 -15.23
N ARG A 99 -3.88 14.69 -14.68
CA ARG A 99 -2.60 14.01 -15.03
C ARG A 99 -2.61 12.53 -14.55
N LEU A 100 -3.18 12.29 -13.36
CA LEU A 100 -3.27 10.91 -12.88
C LEU A 100 -4.14 10.08 -13.81
N ALA A 101 -5.23 10.66 -14.34
CA ALA A 101 -6.16 9.99 -15.23
C ALA A 101 -5.59 9.73 -16.61
N ASP A 102 -4.75 10.63 -17.08
CA ASP A 102 -4.14 10.56 -18.40
C ASP A 102 -3.30 9.33 -18.65
N PRO A 103 -3.67 8.54 -19.66
CA PRO A 103 -2.98 7.33 -20.04
C PRO A 103 -1.53 7.60 -20.33
N ASN A 104 -1.19 8.77 -20.84
CA ASN A 104 0.22 9.07 -21.11
C ASN A 104 1.05 9.11 -19.82
N THR A 105 0.42 9.37 -18.67
CA THR A 105 1.16 9.36 -17.40
C THR A 105 1.47 7.90 -17.00
N ALA A 106 0.69 6.93 -17.47
CA ALA A 106 0.92 5.53 -17.14
C ALA A 106 1.05 5.34 -15.63
N SER A 107 0.15 5.96 -14.85
CA SER A 107 0.28 5.78 -13.41
C SER A 107 -0.21 4.42 -12.99
N PRO A 108 0.48 3.72 -12.09
CA PRO A 108 0.03 2.44 -11.58
C PRO A 108 -1.27 2.62 -10.77
N TYR A 109 -1.58 3.87 -10.38
CA TYR A 109 -2.78 4.20 -9.63
C TYR A 109 -3.81 5.00 -10.46
N ALA A 110 -3.72 4.89 -11.77
CA ALA A 110 -4.72 5.57 -12.63
C ALA A 110 -6.09 5.05 -12.20
N SER A 111 -6.25 3.78 -11.86
CA SER A 111 -7.52 3.22 -11.45
C SER A 111 -8.07 3.75 -10.14
N TYR A 112 -7.26 4.51 -9.38
CA TYR A 112 -7.76 5.07 -8.11
C TYR A 112 -8.99 5.97 -8.41
N LEU A 113 -8.95 6.62 -9.59
CA LEU A 113 -10.10 7.51 -9.95
C LEU A 113 -11.30 6.67 -10.33
N GLN A 114 -11.07 5.41 -10.74
CA GLN A 114 -12.15 4.47 -11.04
C GLN A 114 -12.74 4.00 -9.69
N TYR A 115 -11.84 3.78 -8.71
CA TYR A 115 -12.30 3.32 -7.39
C TYR A 115 -13.24 4.35 -6.76
N GLY A 116 -12.93 5.64 -6.99
CA GLY A 116 -13.77 6.72 -6.47
C GLY A 116 -14.94 7.02 -7.43
N HIS A 117 -14.99 6.45 -8.63
CA HIS A 117 -16.02 6.63 -9.62
C HIS A 117 -16.16 8.08 -10.11
N ILE A 118 -15.03 8.74 -10.31
CA ILE A 118 -15.08 10.15 -10.79
C ILE A 118 -15.68 10.11 -12.20
N ALA A 119 -16.56 11.03 -12.55
CA ALA A 119 -17.15 10.97 -13.90
C ALA A 119 -16.15 10.97 -15.02
N ASN A 120 -16.40 10.18 -16.07
CA ASN A 120 -15.66 10.01 -17.28
C ASN A 120 -14.34 9.30 -17.18
N ILE A 121 -14.02 8.78 -15.98
CA ILE A 121 -12.73 8.09 -15.83
C ILE A 121 -12.53 6.95 -16.78
N ASP A 122 -13.49 6.08 -16.97
CA ASP A 122 -13.30 4.93 -17.89
C ASP A 122 -12.93 5.35 -19.29
N ASP A 123 -13.65 6.33 -19.87
CA ASP A 123 -13.35 6.82 -21.20
C ASP A 123 -11.97 7.45 -21.33
N ILE A 124 -11.59 8.14 -20.22
CA ILE A 124 -10.27 8.79 -20.23
C ILE A 124 -9.13 7.76 -20.23
N ILE A 125 -9.26 6.77 -19.35
CA ILE A 125 -8.24 5.71 -19.26
C ILE A 125 -8.15 4.96 -20.59
N ALA A 126 -9.31 4.79 -21.23
CA ALA A 126 -9.40 4.11 -22.51
C ALA A 126 -8.91 4.96 -23.65
N GLY A 127 -8.60 6.23 -23.47
CA GLY A 127 -8.12 7.08 -24.55
C GLY A 127 -9.31 7.60 -25.36
N LYS A 128 -10.55 7.37 -24.90
CA LYS A 128 -11.70 7.85 -25.67
C LYS A 128 -12.04 9.29 -25.41
N LYS A 129 -11.70 9.87 -24.27
CA LYS A 129 -11.96 11.27 -23.94
C LYS A 129 -10.63 11.81 -23.38
N PRO A 130 -10.35 13.07 -23.60
CA PRO A 130 -9.15 13.71 -23.10
C PRO A 130 -9.27 13.76 -21.56
N ALA A 131 -8.16 13.87 -20.86
CA ALA A 131 -8.14 13.93 -19.39
C ALA A 131 -8.88 15.14 -18.87
N THR A 132 -9.01 16.19 -19.69
CA THR A 132 -9.73 17.40 -19.33
C THR A 132 -11.22 17.18 -19.21
N ASP A 133 -11.70 16.01 -19.60
CA ASP A 133 -13.10 15.63 -19.48
C ASP A 133 -13.41 15.06 -18.09
N LEU A 134 -12.38 14.90 -17.25
CA LEU A 134 -12.59 14.35 -15.91
C LEU A 134 -13.58 15.13 -15.09
N GLY A 135 -14.41 14.46 -14.29
CA GLY A 135 -15.39 15.15 -13.46
C GLY A 135 -14.92 15.90 -12.23
N VAL A 136 -13.97 16.82 -12.42
CA VAL A 136 -13.42 17.64 -11.39
C VAL A 136 -13.37 19.10 -11.91
N LYS A 137 -13.60 20.04 -11.04
CA LYS A 137 -13.50 21.45 -11.49
C LYS A 137 -13.14 22.30 -10.28
N ALA A 138 -12.50 23.44 -10.56
CA ALA A 138 -12.12 24.42 -9.56
C ALA A 138 -13.25 25.48 -9.72
N LEU A 139 -14.09 25.61 -8.70
CA LEU A 139 -15.19 26.60 -8.77
C LEU A 139 -14.62 28.01 -8.56
N ASP A 140 -13.50 28.08 -7.85
CA ASP A 140 -12.71 29.24 -7.56
C ASP A 140 -11.33 28.77 -7.09
N ASP A 141 -10.40 29.67 -6.76
CA ASP A 141 -9.08 29.21 -6.33
C ASP A 141 -9.12 28.30 -5.11
N HIS A 142 -10.13 28.46 -4.25
CA HIS A 142 -10.20 27.66 -3.03
C HIS A 142 -11.33 26.71 -2.94
N THR A 143 -11.93 26.30 -4.06
CA THR A 143 -13.06 25.38 -3.98
C THR A 143 -12.92 24.35 -5.09
N PHE A 144 -12.78 23.08 -4.72
CA PHE A 144 -12.59 21.96 -5.64
C PHE A 144 -13.85 21.11 -5.58
N GLU A 145 -14.44 20.88 -6.76
CA GLU A 145 -15.67 20.12 -6.83
C GLU A 145 -15.51 18.85 -7.63
N VAL A 146 -15.86 17.71 -7.05
CA VAL A 146 -15.72 16.42 -7.70
C VAL A 146 -17.08 15.81 -7.93
N THR A 147 -17.27 15.35 -9.16
CA THR A 147 -18.56 14.74 -9.53
C THR A 147 -18.38 13.28 -9.84
N LEU A 148 -19.11 12.44 -9.12
CA LEU A 148 -19.01 11.00 -9.32
C LEU A 148 -20.17 10.50 -10.17
N SER A 149 -19.89 9.36 -10.79
CA SER A 149 -20.92 8.76 -11.64
C SER A 149 -21.94 7.98 -10.84
N GLU A 150 -21.71 7.77 -9.56
CA GLU A 150 -22.67 7.05 -8.69
C GLU A 150 -22.36 7.43 -7.24
N PRO A 151 -23.29 7.23 -6.36
CA PRO A 151 -23.12 7.57 -4.94
C PRO A 151 -22.04 6.69 -4.33
N VAL A 152 -21.10 7.36 -3.65
CA VAL A 152 -19.97 6.64 -3.00
C VAL A 152 -19.89 7.26 -1.62
N PRO A 153 -20.60 6.73 -0.63
CA PRO A 153 -20.62 7.26 0.74
C PRO A 153 -19.28 7.33 1.40
N TYR A 154 -18.34 6.44 1.08
CA TYR A 154 -17.00 6.47 1.69
C TYR A 154 -15.97 7.21 0.83
N PHE A 155 -16.41 7.92 -0.23
CA PHE A 155 -15.49 8.62 -1.11
C PHE A 155 -14.39 9.42 -0.46
N TYR A 156 -14.67 10.27 0.53
CA TYR A 156 -13.66 11.11 1.17
C TYR A 156 -12.52 10.31 1.81
N LYS A 157 -12.81 9.04 2.21
CA LYS A 157 -11.81 8.23 2.84
C LYS A 157 -10.65 7.96 1.91
N LEU A 158 -10.93 7.94 0.58
CA LEU A 158 -9.90 7.68 -0.39
C LEU A 158 -8.86 8.78 -0.52
N LEU A 159 -9.26 10.00 -0.13
CA LEU A 159 -8.48 11.18 -0.35
C LEU A 159 -7.18 11.39 0.35
N VAL A 160 -6.82 10.50 1.25
CA VAL A 160 -5.55 10.62 1.96
C VAL A 160 -4.44 9.95 1.18
N HIS A 161 -4.74 9.23 0.12
CA HIS A 161 -3.76 8.51 -0.68
C HIS A 161 -2.87 9.37 -1.52
N PRO A 162 -1.58 9.06 -1.69
CA PRO A 162 -0.66 9.86 -2.47
C PRO A 162 -1.05 10.11 -3.89
N SER A 163 -1.71 9.19 -4.57
CA SER A 163 -2.08 9.38 -5.99
C SER A 163 -2.98 10.60 -6.19
N VAL A 164 -3.72 11.00 -5.15
CA VAL A 164 -4.60 12.18 -5.29
C VAL A 164 -4.07 13.43 -4.63
N SER A 165 -2.74 13.45 -4.39
CA SER A 165 -2.02 14.59 -3.86
C SER A 165 -1.71 15.49 -5.08
N PRO A 166 -1.56 16.77 -4.82
CA PRO A 166 -1.29 17.67 -5.93
C PRO A 166 0.16 17.63 -6.31
N VAL A 167 0.45 17.93 -7.59
CA VAL A 167 1.79 18.02 -8.17
C VAL A 167 1.84 19.45 -8.79
N PRO A 168 2.99 20.05 -8.75
CA PRO A 168 3.19 21.41 -9.26
C PRO A 168 3.36 21.43 -10.77
N LYS A 169 2.30 21.86 -11.49
CA LYS A 169 2.34 21.91 -12.96
C LYS A 169 3.59 22.52 -13.57
N SER A 170 3.94 23.69 -13.05
CA SER A 170 5.11 24.45 -13.51
C SER A 170 6.40 23.66 -13.52
N ALA A 171 6.69 22.94 -12.44
CA ALA A 171 7.93 22.15 -12.41
C ALA A 171 7.81 20.95 -13.31
N VAL A 172 6.62 20.28 -13.28
CA VAL A 172 6.41 19.13 -14.13
C VAL A 172 6.62 19.52 -15.59
N GLU A 173 5.93 20.59 -16.00
CA GLU A 173 6.03 21.03 -17.39
C GLU A 173 7.46 21.47 -17.75
N LYS A 174 8.13 22.20 -16.91
CA LYS A 174 9.47 22.66 -17.23
C LYS A 174 10.55 21.61 -17.19
N PHE A 175 10.54 20.73 -16.19
CA PHE A 175 11.58 19.72 -16.07
C PHE A 175 11.21 18.31 -16.41
N GLY A 176 9.97 18.02 -16.76
CA GLY A 176 9.59 16.67 -17.11
C GLY A 176 9.96 15.69 -16.00
N ASP A 177 10.61 14.60 -16.36
CA ASP A 177 11.08 13.55 -15.50
C ASP A 177 11.96 14.01 -14.34
N LYS A 178 12.66 15.15 -14.49
CA LYS A 178 13.55 15.66 -13.51
C LYS A 178 12.92 16.63 -12.52
N TRP A 179 11.58 16.80 -12.62
CA TRP A 179 10.93 17.74 -11.70
C TRP A 179 11.10 17.44 -10.21
N THR A 180 11.30 16.15 -9.87
CA THR A 180 11.48 15.74 -8.47
C THR A 180 12.89 15.88 -7.94
N GLN A 181 13.84 16.31 -8.78
CA GLN A 181 15.21 16.49 -8.29
C GLN A 181 15.15 17.61 -7.27
N PRO A 182 16.01 17.56 -6.30
CA PRO A 182 16.08 18.56 -5.24
C PRO A 182 16.11 19.96 -5.78
N ALA A 183 16.85 20.22 -6.87
CA ALA A 183 16.92 21.59 -7.39
C ALA A 183 15.68 22.01 -8.15
N ASN A 184 14.79 21.07 -8.53
CA ASN A 184 13.61 21.45 -9.27
C ASN A 184 12.28 21.28 -8.54
N ILE A 185 12.28 20.35 -7.58
CA ILE A 185 11.02 20.06 -6.88
C ILE A 185 10.41 21.14 -6.07
N VAL A 186 9.05 21.12 -6.00
CA VAL A 186 8.24 22.06 -5.23
C VAL A 186 7.21 21.16 -4.50
N THR A 187 7.15 21.37 -3.17
CA THR A 187 6.24 20.49 -2.37
C THR A 187 5.29 21.26 -1.48
N ASN A 188 4.17 20.63 -1.07
CA ASN A 188 3.22 21.33 -0.24
C ASN A 188 2.94 20.66 1.09
N GLY A 189 3.74 19.61 1.38
CA GLY A 189 3.53 18.94 2.69
C GLY A 189 4.39 19.66 3.75
N ALA A 190 4.55 19.03 4.93
CA ALA A 190 5.32 19.66 6.02
C ALA A 190 6.78 19.75 5.75
N TYR A 191 7.30 18.99 4.77
CA TYR A 191 8.69 18.95 4.42
C TYR A 191 8.96 19.25 2.96
N LYS A 192 10.23 19.50 2.67
CA LYS A 192 10.81 19.80 1.41
C LYS A 192 11.96 18.83 1.16
N LEU A 193 12.24 18.54 -0.08
CA LEU A 193 13.35 17.63 -0.36
C LEU A 193 14.69 18.39 -0.23
N LYS A 194 15.56 17.95 0.66
CA LYS A 194 16.88 18.57 0.81
C LYS A 194 17.90 17.85 -0.05
N ASN A 195 18.03 16.52 0.10
CA ASN A 195 18.98 15.70 -0.64
C ASN A 195 18.35 14.32 -1.03
N TRP A 196 18.88 13.81 -2.13
CA TRP A 196 18.42 12.52 -2.62
C TRP A 196 19.62 11.82 -3.26
N VAL A 197 20.15 10.84 -2.52
CA VAL A 197 21.27 10.07 -3.00
C VAL A 197 20.71 8.64 -3.20
N VAL A 198 20.63 8.24 -4.47
CA VAL A 198 20.12 6.90 -4.77
C VAL A 198 20.93 5.84 -4.07
N ASN A 199 20.18 4.95 -3.41
CA ASN A 199 20.70 3.83 -2.67
C ASN A 199 21.50 4.27 -1.47
N GLU A 200 21.30 5.52 -1.01
CA GLU A 200 22.03 5.96 0.17
C GLU A 200 21.05 6.60 1.16
N ARG A 201 20.40 7.72 0.72
CA ARG A 201 19.46 8.37 1.60
C ARG A 201 18.63 9.43 0.88
N ILE A 202 17.53 9.70 1.55
CA ILE A 202 16.62 10.78 1.15
C ILE A 202 16.56 11.66 2.44
N VAL A 203 16.88 12.97 2.30
CA VAL A 203 16.86 13.85 3.44
C VAL A 203 15.82 14.95 3.19
N LEU A 204 14.88 15.10 4.09
CA LEU A 204 13.82 16.11 3.98
C LEU A 204 14.05 17.13 5.10
N GLU A 205 13.66 18.36 4.82
CA GLU A 205 13.80 19.41 5.83
C GLU A 205 12.46 20.12 5.94
N ARG A 206 12.20 20.70 7.08
CA ARG A 206 10.88 21.39 7.23
C ARG A 206 10.66 22.44 6.16
N ASN A 207 9.39 22.46 5.75
CA ASN A 207 8.88 23.39 4.72
C ASN A 207 8.17 24.48 5.51
N PRO A 208 8.84 25.62 5.60
CA PRO A 208 8.35 26.77 6.35
C PRO A 208 7.07 27.36 5.77
N GLN A 209 6.73 27.04 4.53
CA GLN A 209 5.53 27.55 3.88
C GLN A 209 4.34 26.70 4.20
N TYR A 210 4.57 25.52 4.82
CA TYR A 210 3.46 24.63 5.14
C TYR A 210 2.46 25.34 6.03
N TRP A 211 1.17 25.28 5.64
CA TRP A 211 0.16 25.96 6.44
C TRP A 211 0.20 25.65 7.93
N ASP A 212 0.53 24.44 8.32
CA ASP A 212 0.56 24.05 9.74
C ASP A 212 1.97 23.95 10.30
N ASN A 213 2.91 24.61 9.64
CA ASN A 213 4.30 24.58 10.06
C ASN A 213 4.53 24.92 11.50
N ALA A 214 3.77 25.82 12.14
CA ALA A 214 3.99 26.15 13.56
C ALA A 214 3.91 24.91 14.43
N LYS A 215 3.13 23.88 14.03
CA LYS A 215 3.01 22.66 14.82
C LYS A 215 4.01 21.58 14.43
N THR A 216 4.79 21.76 13.40
CA THR A 216 5.81 20.80 12.98
C THR A 216 6.97 20.89 13.98
N VAL A 217 7.44 19.78 14.50
CA VAL A 217 8.55 19.79 15.47
C VAL A 217 9.84 19.29 14.88
N ILE A 218 9.82 18.15 14.16
CA ILE A 218 11.04 17.59 13.57
C ILE A 218 11.50 18.53 12.45
N ASN A 219 12.79 18.91 12.47
CA ASN A 219 13.29 19.82 11.44
C ASN A 219 13.87 19.12 10.21
N GLN A 220 14.29 17.85 10.42
CA GLN A 220 14.87 17.07 9.37
C GLN A 220 14.63 15.59 9.59
N VAL A 221 14.27 14.92 8.52
CA VAL A 221 14.06 13.45 8.62
C VAL A 221 14.80 12.83 7.45
N THR A 222 15.52 11.75 7.73
CA THR A 222 16.25 11.02 6.70
C THR A 222 15.54 9.66 6.53
N TYR A 223 15.31 9.25 5.30
CA TYR A 223 14.72 7.97 4.96
C TYR A 223 15.83 7.13 4.34
N LEU A 224 16.11 5.94 4.89
CA LEU A 224 17.17 5.10 4.31
C LEU A 224 16.58 3.95 3.50
N PRO A 225 17.29 3.39 2.57
CA PRO A 225 16.81 2.31 1.70
C PRO A 225 17.32 0.91 2.01
N ILE A 226 17.39 0.56 3.30
CA ILE A 226 17.93 -0.75 3.69
C ILE A 226 16.95 -1.87 3.61
N SER A 227 17.20 -2.81 2.70
CA SER A 227 16.30 -3.95 2.53
C SER A 227 16.60 -5.12 3.45
N SER A 228 17.78 -5.09 4.11
CA SER A 228 18.14 -6.17 5.06
C SER A 228 17.52 -5.82 6.41
N GLU A 229 16.54 -6.60 6.86
CA GLU A 229 15.90 -6.33 8.14
C GLU A 229 16.88 -6.47 9.30
N VAL A 230 17.89 -7.36 9.12
CA VAL A 230 18.90 -7.50 10.21
C VAL A 230 19.75 -6.24 10.27
N THR A 231 20.15 -5.69 9.12
CA THR A 231 20.95 -4.47 9.07
C THR A 231 20.16 -3.29 9.63
N ASP A 232 18.89 -3.23 9.31
CA ASP A 232 18.03 -2.15 9.84
C ASP A 232 18.04 -2.25 11.36
N VAL A 233 17.76 -3.46 11.92
CA VAL A 233 17.82 -3.58 13.39
C VAL A 233 19.19 -3.22 13.95
N ASN A 234 20.24 -3.69 13.27
CA ASN A 234 21.59 -3.37 13.79
C ASN A 234 21.84 -1.88 13.83
N ARG A 235 21.45 -1.16 12.78
CA ARG A 235 21.69 0.31 12.73
C ARG A 235 20.76 1.04 13.66
N TYR A 236 19.63 0.44 14.02
CA TYR A 236 18.74 1.05 14.99
C TYR A 236 19.45 0.88 16.36
N ARG A 237 19.86 -0.37 16.67
CA ARG A 237 20.49 -0.54 18.00
C ARG A 237 21.82 0.13 18.12
N SER A 238 22.56 0.42 17.07
CA SER A 238 23.86 1.11 17.22
C SER A 238 23.62 2.59 17.46
N GLY A 239 22.37 3.05 17.25
CA GLY A 239 21.99 4.43 17.47
C GLY A 239 21.73 5.26 16.23
N GLU A 240 22.05 4.72 15.04
CA GLU A 240 21.85 5.52 13.82
C GLU A 240 20.39 5.71 13.46
N ILE A 241 19.60 4.67 13.56
CA ILE A 241 18.20 4.70 13.20
C ILE A 241 17.26 4.83 14.35
N ASP A 242 16.29 5.75 14.25
CA ASP A 242 15.33 5.96 15.29
C ASP A 242 14.07 5.11 15.15
N MET A 243 13.76 4.80 13.85
CA MET A 243 12.56 3.99 13.56
C MET A 243 12.93 3.02 12.45
N THR A 244 12.83 1.71 12.72
CA THR A 244 13.14 0.77 11.66
C THR A 244 11.93 0.79 10.66
N TYR A 245 12.18 0.09 9.56
CA TYR A 245 11.08 -0.09 8.57
C TYR A 245 10.23 -1.18 9.26
N ASN A 246 9.05 -1.49 8.75
CA ASN A 246 8.21 -2.47 9.40
C ASN A 246 8.22 -3.87 8.84
N ASN A 247 9.43 -4.35 8.56
CA ASN A 247 9.72 -5.72 8.12
C ASN A 247 10.71 -6.16 9.25
N MET A 248 10.31 -7.12 10.08
CA MET A 248 11.20 -7.55 11.18
C MET A 248 11.92 -8.86 10.80
N PRO A 249 13.21 -8.93 11.16
CA PRO A 249 14.01 -10.11 10.84
C PRO A 249 13.69 -11.35 11.68
N ILE A 250 13.53 -12.50 10.99
CA ILE A 250 13.26 -13.75 11.70
C ILE A 250 14.42 -14.07 12.64
N GLU A 251 15.65 -13.72 12.24
CA GLU A 251 16.80 -13.98 13.06
C GLU A 251 16.76 -13.39 14.43
N LEU A 252 16.27 -12.15 14.57
CA LEU A 252 16.29 -11.49 15.83
C LEU A 252 15.01 -11.15 16.54
N PHE A 253 13.85 -11.28 15.92
CA PHE A 253 12.61 -10.87 16.55
C PHE A 253 12.27 -11.36 17.92
N GLN A 254 12.35 -12.67 18.13
CA GLN A 254 11.99 -13.18 19.49
C GLN A 254 12.93 -12.61 20.54
N LYS A 255 14.22 -12.49 20.20
CA LYS A 255 15.20 -11.93 21.13
C LYS A 255 14.89 -10.47 21.38
N LEU A 256 14.52 -9.70 20.30
CA LEU A 256 14.22 -8.27 20.56
C LEU A 256 13.08 -8.09 21.52
N LYS A 257 12.07 -8.95 21.42
CA LYS A 257 10.90 -8.85 22.32
C LYS A 257 11.32 -9.00 23.78
N LYS A 258 12.34 -9.86 23.98
CA LYS A 258 12.86 -10.09 25.31
C LYS A 258 13.81 -8.99 25.74
N GLU A 259 14.66 -8.50 24.83
CA GLU A 259 15.63 -7.47 25.24
C GLU A 259 15.14 -6.06 25.35
N ILE A 260 14.31 -5.62 24.40
CA ILE A 260 13.79 -4.23 24.42
C ILE A 260 12.32 -4.23 24.12
N PRO A 261 11.53 -4.87 24.97
CA PRO A 261 10.10 -5.00 24.83
C PRO A 261 9.37 -3.70 24.58
N ASN A 262 9.80 -2.63 25.25
CA ASN A 262 9.15 -1.35 25.08
C ASN A 262 9.35 -0.73 23.71
N GLU A 263 10.39 -1.13 23.01
CA GLU A 263 10.67 -0.58 21.67
C GLU A 263 10.08 -1.40 20.56
N VAL A 264 9.64 -2.61 20.88
CA VAL A 264 9.05 -3.48 19.87
C VAL A 264 7.57 -3.11 19.78
N ARG A 265 7.20 -2.44 18.67
CA ARG A 265 5.80 -2.04 18.51
C ARG A 265 5.12 -3.07 17.62
N VAL A 266 4.01 -3.67 18.08
CA VAL A 266 3.29 -4.66 17.24
C VAL A 266 1.82 -4.25 17.32
N ASP A 267 1.27 -3.84 16.16
CA ASP A 267 -0.12 -3.35 16.12
C ASP A 267 -0.86 -3.89 14.90
N PRO A 268 -2.19 -3.82 14.96
CA PRO A 268 -3.03 -4.29 13.86
C PRO A 268 -2.62 -3.55 12.59
N TYR A 269 -2.72 -4.27 11.49
CA TYR A 269 -2.31 -3.70 10.17
C TYR A 269 -3.22 -4.25 9.09
N LEU A 270 -3.81 -3.37 8.28
CA LEU A 270 -4.71 -3.87 7.23
C LEU A 270 -3.96 -4.23 5.98
N CYS A 271 -3.18 -5.32 6.08
CA CYS A 271 -2.37 -5.78 4.93
C CYS A 271 -2.44 -7.30 4.85
N THR A 272 -2.36 -7.84 3.66
CA THR A 272 -2.40 -9.29 3.48
C THR A 272 -1.14 -9.69 2.71
N TYR A 273 -0.52 -10.76 3.24
CA TYR A 273 0.69 -11.33 2.63
C TYR A 273 0.15 -12.52 1.82
N TYR A 274 0.53 -12.62 0.57
CA TYR A 274 0.06 -13.73 -0.26
C TYR A 274 1.04 -14.00 -1.36
N TYR A 275 0.83 -15.11 -2.10
CA TYR A 275 1.69 -15.39 -3.23
C TYR A 275 0.77 -15.10 -4.43
N GLU A 276 1.20 -14.10 -5.16
CA GLU A 276 0.49 -13.63 -6.35
C GLU A 276 0.85 -14.52 -7.52
N ILE A 277 -0.17 -15.16 -8.09
CA ILE A 277 0.02 -16.06 -9.24
C ILE A 277 -0.24 -15.25 -10.52
N ASN A 278 0.58 -15.43 -11.53
CA ASN A 278 0.33 -14.71 -12.80
C ASN A 278 -0.77 -15.54 -13.47
N ASN A 279 -2.02 -15.10 -13.35
CA ASN A 279 -3.16 -15.86 -13.90
C ASN A 279 -3.22 -15.97 -15.39
N GLN A 280 -2.47 -15.19 -16.16
CA GLN A 280 -2.56 -15.30 -17.62
C GLN A 280 -1.47 -16.11 -18.28
N LYS A 281 -0.63 -16.75 -17.48
CA LYS A 281 0.46 -17.56 -17.99
C LYS A 281 0.37 -19.03 -17.64
N ALA A 282 0.42 -19.87 -18.70
CA ALA A 282 0.36 -21.34 -18.50
C ALA A 282 1.58 -21.75 -17.71
N PRO A 283 1.46 -22.66 -16.78
CA PRO A 283 0.27 -23.39 -16.44
C PRO A 283 -0.61 -22.83 -15.34
N PHE A 284 -0.35 -21.57 -15.00
CA PHE A 284 -1.06 -20.89 -13.95
C PHE A 284 -2.45 -20.43 -14.32
N ASN A 285 -2.80 -20.62 -15.57
CA ASN A 285 -4.11 -20.27 -16.09
C ASN A 285 -5.08 -21.42 -15.87
N ASP A 286 -4.59 -22.49 -15.23
CA ASP A 286 -5.38 -23.66 -14.91
C ASP A 286 -5.75 -23.57 -13.45
N VAL A 287 -7.04 -23.42 -13.13
CA VAL A 287 -7.44 -23.35 -11.71
C VAL A 287 -6.95 -24.50 -10.87
N ARG A 288 -6.79 -25.74 -11.46
CA ARG A 288 -6.30 -26.85 -10.65
C ARG A 288 -4.89 -26.61 -10.13
N VAL A 289 -4.07 -26.00 -10.99
CA VAL A 289 -2.69 -25.67 -10.58
C VAL A 289 -2.74 -24.62 -9.46
N ARG A 290 -3.48 -23.53 -9.72
CA ARG A 290 -3.60 -22.48 -8.69
C ARG A 290 -4.14 -23.03 -7.37
N THR A 291 -5.21 -23.82 -7.42
CA THR A 291 -5.82 -24.40 -6.20
C THR A 291 -4.89 -25.25 -5.39
N ALA A 292 -4.11 -26.09 -6.13
CA ALA A 292 -3.12 -26.98 -5.48
C ALA A 292 -2.10 -26.23 -4.67
N LEU A 293 -1.57 -25.17 -5.29
CA LEU A 293 -0.55 -24.31 -4.64
C LEU A 293 -1.13 -23.64 -3.40
N LYS A 294 -2.39 -23.17 -3.58
CA LYS A 294 -3.11 -22.51 -2.49
C LYS A 294 -3.32 -23.43 -1.31
N LEU A 295 -3.80 -24.65 -1.65
CA LEU A 295 -4.03 -25.62 -0.57
C LEU A 295 -2.80 -26.25 0.05
N ALA A 296 -1.76 -26.57 -0.75
CA ALA A 296 -0.56 -27.23 -0.22
C ALA A 296 0.30 -26.38 0.67
N LEU A 297 0.11 -25.04 0.64
CA LEU A 297 0.88 -24.17 1.51
C LEU A 297 0.34 -24.35 2.92
N ASP A 298 1.22 -24.52 3.91
CA ASP A 298 0.83 -24.73 5.29
C ASP A 298 1.00 -23.42 6.05
N ARG A 299 -0.12 -22.72 6.18
CA ARG A 299 -0.11 -21.43 6.85
C ARG A 299 0.29 -21.48 8.29
N ASP A 300 -0.06 -22.58 8.95
CA ASP A 300 0.30 -22.68 10.39
C ASP A 300 1.77 -22.74 10.55
N ILE A 301 2.43 -23.51 9.69
CA ILE A 301 3.89 -23.60 9.77
C ILE A 301 4.53 -22.24 9.53
N ILE A 302 4.15 -21.62 8.40
CA ILE A 302 4.77 -20.31 8.11
C ILE A 302 4.47 -19.29 9.16
N VAL A 303 3.20 -19.19 9.55
CA VAL A 303 2.84 -18.20 10.54
C VAL A 303 3.35 -18.43 11.92
N ASN A 304 3.16 -19.65 12.43
CA ASN A 304 3.57 -19.93 13.80
C ASN A 304 4.95 -20.48 13.97
N LYS A 305 5.45 -21.20 12.98
CA LYS A 305 6.78 -21.79 13.13
C LYS A 305 7.89 -20.99 12.48
N VAL A 306 7.64 -20.52 11.28
CA VAL A 306 8.66 -19.76 10.55
C VAL A 306 8.74 -18.30 10.95
N LYS A 307 7.67 -17.55 10.82
CA LYS A 307 7.73 -16.13 11.17
C LYS A 307 7.54 -15.91 12.64
N ASN A 308 6.39 -16.38 13.14
CA ASN A 308 6.05 -16.25 14.55
C ASN A 308 6.23 -14.85 15.10
N GLN A 309 5.56 -13.88 14.47
CA GLN A 309 5.60 -12.48 14.86
C GLN A 309 4.19 -11.96 15.22
N GLY A 310 3.20 -12.84 15.13
CA GLY A 310 1.84 -12.45 15.51
C GLY A 310 0.86 -12.36 14.34
N ASP A 311 1.33 -12.71 13.15
CA ASP A 311 0.45 -12.66 11.99
C ASP A 311 -0.63 -13.73 12.12
N LEU A 312 -1.71 -13.56 11.36
CA LEU A 312 -2.84 -14.49 11.36
C LEU A 312 -2.99 -15.20 10.04
N PRO A 313 -3.13 -16.52 10.03
CA PRO A 313 -3.30 -17.33 8.84
C PRO A 313 -4.45 -16.77 8.00
N ALA A 314 -4.23 -16.58 6.70
CA ALA A 314 -5.21 -16.01 5.80
C ALA A 314 -5.92 -16.94 4.87
N TYR A 315 -7.19 -16.70 4.62
CA TYR A 315 -8.01 -17.49 3.74
C TYR A 315 -8.73 -16.57 2.73
N SER A 316 -8.32 -15.29 2.76
CA SER A 316 -8.93 -14.29 1.87
C SER A 316 -7.86 -13.22 1.50
N TYR A 317 -8.30 -12.36 0.57
CA TYR A 317 -7.43 -11.24 0.13
C TYR A 317 -7.67 -10.10 1.10
N THR A 318 -8.94 -9.60 1.13
CA THR A 318 -9.28 -8.50 2.08
C THR A 318 -9.14 -9.04 3.51
N PRO A 319 -8.47 -8.32 4.39
CA PRO A 319 -8.32 -8.76 5.77
C PRO A 319 -9.70 -8.76 6.37
N PRO A 320 -10.10 -9.78 7.12
CA PRO A 320 -11.43 -9.87 7.72
C PRO A 320 -11.80 -8.77 8.68
N TYR A 321 -10.83 -8.04 9.22
CA TYR A 321 -11.06 -6.96 10.16
C TYR A 321 -11.14 -5.60 9.46
N THR A 322 -11.15 -5.61 8.14
CA THR A 322 -11.31 -4.31 7.42
C THR A 322 -12.73 -3.82 7.81
N ASP A 323 -12.89 -2.52 7.95
CA ASP A 323 -14.20 -1.95 8.28
C ASP A 323 -15.14 -2.28 7.14
N GLY A 324 -16.19 -3.06 7.39
CA GLY A 324 -17.13 -3.46 6.39
C GLY A 324 -16.98 -4.91 5.90
N ALA A 325 -15.95 -5.58 6.39
CA ALA A 325 -15.73 -6.97 5.96
C ALA A 325 -16.48 -7.89 6.93
N LYS A 326 -17.23 -8.77 6.32
CA LYS A 326 -18.04 -9.79 7.01
C LYS A 326 -17.90 -11.02 6.09
N LEU A 327 -16.66 -11.55 6.13
CA LEU A 327 -16.25 -12.66 5.34
C LEU A 327 -16.59 -14.05 5.87
N VAL A 328 -16.78 -14.92 4.90
CA VAL A 328 -17.10 -16.32 5.20
C VAL A 328 -15.81 -17.14 5.06
N GLU A 329 -15.43 -17.82 6.11
CA GLU A 329 -14.21 -18.68 6.15
C GLU A 329 -14.50 -19.86 5.25
N PRO A 330 -13.73 -20.09 4.21
CA PRO A 330 -13.92 -21.20 3.26
C PRO A 330 -13.69 -22.52 4.00
N GLU A 331 -14.33 -23.58 3.53
CA GLU A 331 -14.26 -24.91 4.13
C GLU A 331 -12.87 -25.50 4.17
N TRP A 332 -12.13 -25.35 3.06
CA TRP A 332 -10.76 -25.83 2.95
C TRP A 332 -9.87 -25.27 4.03
N PHE A 333 -10.18 -24.12 4.61
CA PHE A 333 -9.37 -23.53 5.67
C PHE A 333 -9.52 -24.27 6.98
N LYS A 334 -10.63 -25.01 7.09
CA LYS A 334 -10.96 -25.78 8.27
C LYS A 334 -10.44 -27.21 8.17
N TRP A 335 -10.15 -27.68 6.95
CA TRP A 335 -9.61 -29.03 6.80
C TRP A 335 -8.25 -29.13 7.50
N SER A 336 -7.75 -30.38 7.57
CA SER A 336 -6.43 -30.57 8.19
C SER A 336 -5.44 -30.27 7.04
N GLN A 337 -4.17 -30.04 7.32
CA GLN A 337 -3.25 -29.79 6.21
C GLN A 337 -3.09 -31.07 5.37
N GLN A 338 -3.19 -32.26 6.02
CA GLN A 338 -3.05 -33.50 5.23
C GLN A 338 -4.17 -33.58 4.19
N LYS A 339 -5.38 -33.21 4.64
CA LYS A 339 -6.53 -33.25 3.71
C LYS A 339 -6.31 -32.26 2.58
N ARG A 340 -5.77 -31.08 2.96
CA ARG A 340 -5.48 -30.07 1.92
C ARG A 340 -4.42 -30.60 0.95
N ASN A 341 -3.38 -31.26 1.49
CA ASN A 341 -2.31 -31.80 0.65
C ASN A 341 -2.81 -32.86 -0.30
N GLU A 342 -3.70 -33.75 0.17
CA GLU A 342 -4.24 -34.81 -0.71
C GLU A 342 -4.97 -34.19 -1.89
N GLU A 343 -5.84 -33.21 -1.49
CA GLU A 343 -6.60 -32.51 -2.55
C GLU A 343 -5.69 -31.84 -3.56
N ALA A 344 -4.63 -31.17 -3.04
CA ALA A 344 -3.65 -30.48 -3.84
C ALA A 344 -2.99 -31.45 -4.81
N LYS A 345 -2.49 -32.57 -4.24
CA LYS A 345 -1.80 -33.61 -5.02
C LYS A 345 -2.69 -34.21 -6.09
N LYS A 346 -3.95 -34.45 -5.72
CA LYS A 346 -4.93 -34.99 -6.66
C LYS A 346 -5.12 -34.05 -7.82
N LEU A 347 -5.33 -32.73 -7.54
CA LEU A 347 -5.52 -31.73 -8.59
C LEU A 347 -4.39 -31.59 -9.59
N LEU A 348 -3.11 -31.67 -9.15
CA LEU A 348 -1.96 -31.59 -10.04
C LEU A 348 -1.85 -32.87 -10.89
N ALA A 349 -2.28 -33.97 -10.24
CA ALA A 349 -2.29 -35.28 -10.92
C ALA A 349 -3.31 -35.13 -12.04
N GLU A 350 -4.50 -34.59 -11.67
CA GLU A 350 -5.50 -34.36 -12.71
C GLU A 350 -4.97 -33.41 -13.79
N ALA A 351 -4.14 -32.41 -13.42
CA ALA A 351 -3.57 -31.46 -14.35
C ALA A 351 -2.48 -32.02 -15.24
N GLY A 352 -2.08 -33.26 -15.08
CA GLY A 352 -1.08 -33.91 -15.88
C GLY A 352 0.33 -33.95 -15.34
N PHE A 353 0.48 -33.49 -14.11
CA PHE A 353 1.80 -33.50 -13.49
C PHE A 353 2.17 -34.83 -12.90
N THR A 354 3.43 -35.22 -13.04
CA THR A 354 3.88 -36.51 -12.51
C THR A 354 5.27 -36.41 -11.92
N ALA A 355 5.79 -37.44 -11.24
CA ALA A 355 7.17 -37.32 -10.74
C ALA A 355 8.15 -37.14 -11.91
N ASP A 356 7.86 -37.71 -13.07
CA ASP A 356 8.70 -37.62 -14.25
C ASP A 356 8.58 -36.27 -14.92
N LYS A 357 7.41 -35.66 -14.78
CA LYS A 357 7.17 -34.33 -15.35
C LYS A 357 6.44 -33.47 -14.32
N PRO A 358 7.19 -33.05 -13.30
CA PRO A 358 6.70 -32.28 -12.19
C PRO A 358 6.44 -30.82 -12.54
N LEU A 359 5.83 -30.13 -11.58
CA LEU A 359 5.57 -28.70 -11.83
C LEU A 359 6.78 -27.93 -11.28
N THR A 360 7.37 -27.13 -12.18
CA THR A 360 8.55 -26.34 -11.74
C THR A 360 8.37 -24.90 -12.25
N PHE A 361 8.62 -23.94 -11.38
CA PHE A 361 8.42 -22.54 -11.79
C PHE A 361 9.22 -21.65 -10.87
N ASP A 362 9.19 -20.34 -11.14
CA ASP A 362 9.90 -19.36 -10.34
C ASP A 362 9.11 -18.72 -9.22
N LEU A 363 9.84 -18.42 -8.13
CA LEU A 363 9.20 -17.74 -6.99
C LEU A 363 10.00 -16.44 -6.87
N LEU A 364 9.36 -15.35 -7.32
CA LEU A 364 9.99 -14.03 -7.31
C LEU A 364 9.67 -13.24 -6.08
N TYR A 365 10.69 -12.57 -5.51
CA TYR A 365 10.43 -11.78 -4.33
C TYR A 365 11.36 -10.57 -4.32
N ASN A 366 11.01 -9.51 -3.62
CA ASN A 366 11.87 -8.34 -3.54
C ASN A 366 12.93 -8.63 -2.44
N THR A 367 14.17 -8.35 -2.80
CA THR A 367 15.33 -8.52 -1.95
C THR A 367 15.02 -8.17 -0.50
N SER A 368 15.17 -9.18 0.35
CA SER A 368 14.86 -9.05 1.76
C SER A 368 15.19 -10.36 2.50
N ASP A 369 15.63 -10.21 3.73
CA ASP A 369 15.98 -11.43 4.51
C ASP A 369 14.69 -12.12 4.90
N LEU A 370 13.73 -11.35 5.35
CA LEU A 370 12.41 -11.84 5.73
C LEU A 370 11.73 -12.52 4.55
N HIS A 371 11.64 -11.87 3.37
CA HIS A 371 10.97 -12.52 2.24
C HIS A 371 11.73 -13.75 1.73
N LYS A 372 13.06 -13.70 1.74
CA LYS A 372 13.87 -14.85 1.33
C LYS A 372 13.59 -16.03 2.28
N LYS A 373 13.64 -15.78 3.60
CA LYS A 373 13.33 -16.91 4.53
C LYS A 373 11.96 -17.46 4.32
N LEU A 374 10.97 -16.59 4.07
CA LEU A 374 9.59 -17.08 3.85
C LEU A 374 9.50 -17.85 2.57
N ALA A 375 10.16 -17.37 1.53
CA ALA A 375 10.16 -18.05 0.22
C ALA A 375 10.85 -19.42 0.30
N ILE A 376 11.94 -19.48 1.07
CA ILE A 376 12.65 -20.75 1.25
C ILE A 376 11.70 -21.74 1.97
N ALA A 377 11.00 -21.28 2.99
CA ALA A 377 10.05 -22.12 3.75
C ALA A 377 8.93 -22.61 2.86
N VAL A 378 8.38 -21.72 2.03
CA VAL A 378 7.30 -22.03 1.10
C VAL A 378 7.80 -23.04 0.05
N ALA A 379 9.01 -22.86 -0.45
CA ALA A 379 9.58 -23.78 -1.43
C ALA A 379 9.69 -25.21 -0.84
N SER A 380 10.16 -25.26 0.40
CA SER A 380 10.30 -26.53 1.13
C SER A 380 8.96 -27.19 1.39
N ILE A 381 7.95 -26.40 1.79
CA ILE A 381 6.59 -26.95 2.03
C ILE A 381 5.96 -27.42 0.74
N TRP A 382 6.05 -26.65 -0.35
CA TRP A 382 5.48 -27.04 -1.62
C TRP A 382 6.23 -28.28 -2.12
N LYS A 383 7.53 -28.35 -1.90
CA LYS A 383 8.25 -29.55 -2.39
C LYS A 383 7.79 -30.81 -1.65
N LYS A 384 7.80 -30.77 -0.35
CA LYS A 384 7.39 -31.83 0.54
C LYS A 384 5.92 -32.19 0.47
N ASN A 385 5.02 -31.21 0.44
CA ASN A 385 3.60 -31.47 0.41
C ASN A 385 3.01 -31.73 -0.95
N LEU A 386 3.65 -31.19 -1.97
CA LEU A 386 3.09 -31.34 -3.33
C LEU A 386 4.05 -31.80 -4.37
N GLY A 387 5.35 -31.95 -4.11
CA GLY A 387 6.31 -32.39 -5.12
C GLY A 387 6.61 -31.37 -6.20
N VAL A 388 6.46 -30.08 -5.83
CA VAL A 388 6.70 -28.99 -6.77
C VAL A 388 8.09 -28.43 -6.49
N ASN A 389 8.72 -27.99 -7.57
CA ASN A 389 10.05 -27.42 -7.48
C ASN A 389 9.98 -25.94 -7.85
N VAL A 390 10.67 -25.11 -7.05
CA VAL A 390 10.60 -23.67 -7.39
C VAL A 390 12.01 -23.08 -7.38
N ASN A 391 12.22 -22.13 -8.27
CA ASN A 391 13.49 -21.41 -8.40
C ASN A 391 13.25 -20.02 -7.75
N LEU A 392 13.93 -19.77 -6.63
CA LEU A 392 13.76 -18.49 -5.97
C LEU A 392 14.56 -17.47 -6.77
N GLU A 393 14.01 -16.27 -6.90
CA GLU A 393 14.66 -15.18 -7.63
C GLU A 393 14.38 -13.87 -6.86
N ASN A 394 15.43 -13.08 -6.56
CA ASN A 394 15.16 -11.84 -5.84
C ASN A 394 15.40 -10.69 -6.83
N GLN A 395 14.60 -9.60 -6.65
CA GLN A 395 14.74 -8.41 -7.47
C GLN A 395 14.62 -7.20 -6.55
N GLU A 396 15.31 -6.11 -6.84
CA GLU A 396 15.19 -4.87 -6.02
C GLU A 396 13.72 -4.41 -6.14
N TRP A 397 13.15 -3.79 -5.12
CA TRP A 397 11.77 -3.36 -5.07
C TRP A 397 11.22 -2.72 -6.32
N LYS A 398 11.87 -1.63 -6.81
CA LYS A 398 11.35 -0.97 -8.01
C LYS A 398 11.31 -1.90 -9.19
N THR A 399 12.34 -2.73 -9.38
CA THR A 399 12.33 -3.69 -10.51
C THR A 399 11.25 -4.73 -10.36
N PHE A 400 11.14 -5.24 -9.14
CA PHE A 400 10.13 -6.25 -8.76
C PHE A 400 8.71 -5.80 -9.13
N LEU A 401 8.36 -4.55 -8.81
CA LEU A 401 6.99 -4.06 -9.14
C LEU A 401 6.84 -4.01 -10.64
N ASP A 402 7.89 -3.55 -11.34
CA ASP A 402 7.82 -3.47 -12.82
C ASP A 402 7.62 -4.87 -13.42
N THR A 403 8.37 -5.85 -12.93
CA THR A 403 8.21 -7.24 -13.42
C THR A 403 6.79 -7.71 -13.24
N ARG A 404 6.18 -7.44 -12.08
CA ARG A 404 4.78 -7.90 -11.87
C ARG A 404 3.86 -7.20 -12.83
N HIS A 405 4.09 -5.88 -13.05
CA HIS A 405 3.20 -5.19 -14.02
C HIS A 405 3.38 -5.75 -15.42
N GLN A 406 4.59 -6.07 -15.81
CA GLN A 406 4.84 -6.64 -17.14
C GLN A 406 4.29 -8.03 -17.30
N GLY A 407 4.02 -8.76 -16.23
CA GLY A 407 3.50 -10.13 -16.29
C GLY A 407 4.69 -11.02 -16.66
N THR A 408 5.97 -10.58 -16.40
CA THR A 408 7.08 -11.49 -16.78
C THR A 408 7.50 -12.36 -15.61
N PHE A 409 6.47 -13.12 -15.10
CA PHE A 409 6.73 -13.96 -13.96
C PHE A 409 5.75 -15.11 -13.84
N ASP A 410 6.05 -15.99 -12.89
CA ASP A 410 5.20 -17.14 -12.62
C ASP A 410 4.40 -16.86 -11.33
N VAL A 411 5.09 -16.88 -10.20
CA VAL A 411 4.50 -16.60 -8.89
C VAL A 411 5.42 -15.57 -8.23
N ALA A 412 4.84 -14.64 -7.47
CA ALA A 412 5.62 -13.63 -6.81
C ALA A 412 5.09 -13.46 -5.38
N ARG A 413 5.99 -13.20 -4.43
CA ARG A 413 5.50 -12.93 -3.07
C ARG A 413 4.76 -11.55 -3.26
N ALA A 414 3.85 -11.25 -2.36
CA ALA A 414 3.11 -9.98 -2.50
C ALA A 414 2.49 -9.59 -1.19
N GLY A 415 2.33 -8.27 -1.05
CA GLY A 415 1.69 -7.69 0.11
C GLY A 415 0.74 -6.59 -0.41
N TRP A 416 -0.44 -6.48 0.09
CA TRP A 416 -1.33 -5.38 -0.34
C TRP A 416 -1.79 -4.76 1.00
N CYS A 417 -1.61 -3.48 1.20
CA CYS A 417 -2.03 -2.74 2.38
C CYS A 417 -3.17 -1.76 1.97
N ALA A 418 -4.19 -1.68 2.80
CA ALA A 418 -5.31 -0.80 2.45
C ALA A 418 -4.87 0.64 2.21
N ASP A 419 -5.58 1.29 1.27
CA ASP A 419 -5.37 2.70 0.95
C ASP A 419 -6.45 3.49 1.69
N TYR A 420 -7.59 2.86 1.96
CA TYR A 420 -8.70 3.41 2.70
C TYR A 420 -9.31 2.21 3.44
N ASN A 421 -9.87 2.45 4.61
CA ASN A 421 -10.42 1.30 5.36
C ASN A 421 -11.84 0.93 4.94
N GLU A 422 -11.92 0.16 3.88
CA GLU A 422 -13.21 -0.30 3.27
C GLU A 422 -12.77 -1.43 2.35
N PRO A 423 -13.55 -2.51 2.26
CA PRO A 423 -13.16 -3.67 1.46
C PRO A 423 -12.80 -3.43 0.04
N THR A 424 -13.38 -2.47 -0.66
CA THR A 424 -13.05 -2.17 -2.05
C THR A 424 -11.60 -1.71 -2.19
N SER A 425 -11.02 -1.22 -1.08
CA SER A 425 -9.58 -0.82 -1.18
C SER A 425 -8.75 -2.02 -1.64
N PHE A 426 -9.16 -3.22 -1.27
CA PHE A 426 -8.52 -4.42 -1.71
C PHE A 426 -9.21 -4.98 -2.96
N LEU A 427 -10.55 -5.20 -2.88
CA LEU A 427 -11.28 -5.81 -4.00
C LEU A 427 -11.16 -5.14 -5.32
N ASN A 428 -11.07 -3.82 -5.33
CA ASN A 428 -10.96 -3.10 -6.59
C ASN A 428 -9.68 -3.46 -7.35
N THR A 429 -8.64 -3.92 -6.62
CA THR A 429 -7.40 -4.25 -7.31
C THR A 429 -7.45 -5.51 -8.12
N MET A 430 -8.50 -6.31 -7.96
CA MET A 430 -8.68 -7.56 -8.71
C MET A 430 -9.61 -7.34 -9.90
N LEU A 431 -10.07 -6.09 -10.05
CA LEU A 431 -10.98 -5.82 -11.21
C LEU A 431 -10.18 -6.07 -12.47
N SER A 432 -10.83 -6.66 -13.50
CA SER A 432 -10.11 -6.98 -14.74
C SER A 432 -9.27 -5.87 -15.30
N ASP A 433 -9.77 -4.65 -15.27
CA ASP A 433 -9.07 -3.49 -15.80
C ASP A 433 -8.32 -2.63 -14.79
N SER A 434 -8.16 -3.13 -13.57
CA SER A 434 -7.46 -2.31 -12.57
C SER A 434 -5.99 -2.13 -12.85
N SER A 435 -5.51 -0.89 -12.78
CA SER A 435 -4.09 -0.59 -12.99
C SER A 435 -3.25 -1.26 -11.89
N ASN A 436 -3.83 -1.62 -10.74
CA ASN A 436 -3.07 -2.28 -9.68
C ASN A 436 -3.11 -3.80 -9.79
N ASN A 437 -3.82 -4.37 -10.79
CA ASN A 437 -3.98 -5.80 -10.95
C ASN A 437 -2.79 -6.51 -11.59
N THR A 438 -1.82 -6.83 -10.67
CA THR A 438 -0.60 -7.53 -11.09
C THR A 438 -0.81 -9.04 -11.01
N ALA A 439 -2.00 -9.48 -10.56
CA ALA A 439 -2.29 -10.92 -10.53
C ALA A 439 -2.69 -11.27 -11.99
N HIS A 440 -3.03 -10.26 -12.79
CA HIS A 440 -3.48 -10.45 -14.16
C HIS A 440 -4.71 -11.33 -14.21
N TYR A 441 -5.55 -11.14 -13.21
CA TYR A 441 -6.80 -11.86 -13.00
C TYR A 441 -7.93 -11.08 -13.67
N LYS A 442 -8.74 -11.79 -14.45
CA LYS A 442 -9.85 -11.20 -15.17
C LYS A 442 -11.05 -12.12 -15.06
N SER A 443 -11.99 -11.68 -14.27
CA SER A 443 -13.22 -12.40 -14.00
C SER A 443 -14.43 -11.47 -14.09
N PRO A 444 -15.23 -11.70 -15.15
CA PRO A 444 -16.46 -10.94 -15.40
C PRO A 444 -17.40 -11.11 -14.21
N ALA A 445 -17.44 -12.31 -13.62
CA ALA A 445 -18.29 -12.59 -12.47
C ALA A 445 -17.81 -11.73 -11.29
N PHE A 446 -16.48 -11.71 -11.10
CA PHE A 446 -15.91 -10.91 -10.02
C PHE A 446 -16.23 -9.46 -10.27
N ASP A 447 -16.00 -8.93 -11.46
CA ASP A 447 -16.26 -7.55 -11.81
C ASP A 447 -17.70 -7.13 -11.54
N LYS A 448 -18.60 -8.05 -11.92
CA LYS A 448 -20.03 -7.80 -11.72
C LYS A 448 -20.39 -7.61 -10.28
N LEU A 449 -19.87 -8.52 -9.43
CA LEU A 449 -20.15 -8.46 -8.00
C LEU A 449 -19.78 -7.11 -7.40
N ILE A 450 -18.60 -6.59 -7.78
CA ILE A 450 -18.18 -5.30 -7.23
C ILE A 450 -18.95 -4.13 -7.81
N ALA A 451 -19.29 -4.22 -9.10
CA ALA A 451 -20.06 -3.12 -9.75
C ALA A 451 -21.38 -2.95 -9.01
N ASP A 452 -22.00 -4.08 -8.66
CA ASP A 452 -23.26 -4.09 -7.93
C ASP A 452 -23.20 -3.45 -6.57
N THR A 453 -22.09 -3.38 -5.87
CA THR A 453 -21.99 -2.79 -4.56
C THR A 453 -22.34 -1.32 -4.49
N LEU A 454 -22.14 -0.57 -5.57
CA LEU A 454 -22.45 0.86 -5.57
C LEU A 454 -23.81 1.08 -6.23
N LYS A 455 -24.46 -0.03 -6.57
CA LYS A 455 -25.79 -0.02 -7.18
C LYS A 455 -26.81 -0.24 -6.06
N VAL A 456 -26.35 -0.72 -4.91
CA VAL A 456 -27.24 -0.94 -3.76
C VAL A 456 -26.95 0.23 -2.82
N ALA A 457 -27.92 0.66 -2.02
CA ALA A 457 -27.61 1.80 -1.12
C ALA A 457 -27.73 1.37 0.33
N ASP A 458 -27.21 0.17 0.61
CA ASP A 458 -27.26 -0.29 2.00
C ASP A 458 -26.02 -1.16 2.23
N ASP A 459 -25.44 -0.93 3.42
CA ASP A 459 -24.25 -1.63 3.84
C ASP A 459 -24.35 -3.13 3.95
N THR A 460 -25.49 -3.70 4.34
CA THR A 460 -25.56 -5.17 4.45
C THR A 460 -25.48 -5.82 3.08
N GLN A 461 -26.16 -5.22 2.09
CA GLN A 461 -26.07 -5.83 0.75
C GLN A 461 -24.64 -5.70 0.23
N ARG A 462 -24.04 -4.55 0.52
CA ARG A 462 -22.67 -4.28 0.14
C ARG A 462 -21.73 -5.31 0.78
N SER A 463 -21.84 -5.51 2.09
CA SER A 463 -20.98 -6.46 2.78
C SER A 463 -21.18 -7.86 2.22
N GLU A 464 -22.45 -8.22 1.96
CA GLU A 464 -22.67 -9.57 1.38
C GLU A 464 -22.01 -9.69 0.03
N LEU A 465 -22.10 -8.65 -0.79
CA LEU A 465 -21.48 -8.66 -2.10
C LEU A 465 -19.95 -8.79 -1.98
N TYR A 466 -19.37 -8.09 -1.02
CA TYR A 466 -17.91 -8.20 -0.83
C TYR A 466 -17.57 -9.64 -0.45
N ALA A 467 -18.39 -10.24 0.44
CA ALA A 467 -18.15 -11.61 0.88
C ALA A 467 -18.23 -12.57 -0.30
N LYS A 468 -19.19 -12.31 -1.19
CA LYS A 468 -19.37 -13.12 -2.39
C LYS A 468 -18.20 -12.94 -3.37
N ALA A 469 -17.72 -11.69 -3.46
CA ALA A 469 -16.57 -11.37 -4.35
C ALA A 469 -15.37 -12.14 -3.82
N GLU A 470 -15.17 -12.18 -2.51
CA GLU A 470 -14.04 -12.96 -1.93
C GLU A 470 -14.23 -14.44 -2.28
N GLN A 471 -15.49 -14.93 -2.22
CA GLN A 471 -15.74 -16.33 -2.56
C GLN A 471 -15.41 -16.59 -4.02
N GLN A 472 -15.68 -15.66 -4.90
CA GLN A 472 -15.37 -15.82 -6.33
C GLN A 472 -13.84 -15.90 -6.52
N LEU A 473 -13.15 -14.96 -5.86
CA LEU A 473 -11.65 -15.00 -5.98
C LEU A 473 -11.12 -16.30 -5.45
N ASP A 474 -11.65 -16.78 -4.33
CA ASP A 474 -11.24 -18.01 -3.72
C ASP A 474 -11.57 -19.21 -4.61
N LYS A 475 -12.74 -19.20 -5.20
CA LYS A 475 -13.13 -20.31 -6.10
C LYS A 475 -12.18 -20.43 -7.28
N ASP A 476 -11.74 -19.29 -7.82
CA ASP A 476 -10.81 -19.25 -8.94
C ASP A 476 -9.37 -19.36 -8.49
N SER A 477 -9.16 -19.38 -7.17
CA SER A 477 -7.80 -19.46 -6.62
C SER A 477 -6.93 -18.45 -7.34
N ALA A 478 -7.38 -17.18 -7.33
CA ALA A 478 -6.62 -16.12 -8.01
C ALA A 478 -5.24 -15.93 -7.36
N ILE A 479 -5.19 -16.09 -6.03
CA ILE A 479 -3.97 -15.92 -5.25
C ILE A 479 -3.81 -17.04 -4.23
N VAL A 480 -2.71 -16.97 -3.52
CA VAL A 480 -2.40 -17.89 -2.45
C VAL A 480 -2.31 -17.04 -1.17
N PRO A 481 -3.41 -16.84 -0.47
CA PRO A 481 -3.40 -16.08 0.79
C PRO A 481 -2.48 -16.76 1.79
N VAL A 482 -1.63 -16.00 2.48
CA VAL A 482 -0.71 -16.58 3.47
C VAL A 482 -1.10 -16.10 4.84
N TYR A 483 -1.01 -14.80 5.13
CA TYR A 483 -1.37 -14.30 6.42
C TYR A 483 -1.78 -12.80 6.35
N TYR A 484 -2.47 -12.43 7.42
CA TYR A 484 -2.88 -11.00 7.55
C TYR A 484 -1.75 -10.47 8.43
N TYR A 485 -1.12 -9.39 8.00
CA TYR A 485 -0.02 -8.84 8.74
C TYR A 485 -0.38 -8.16 10.06
N VAL A 486 0.69 -8.09 10.86
CA VAL A 486 0.73 -7.35 12.07
C VAL A 486 1.80 -6.28 11.65
N ASN A 487 1.71 -5.13 12.21
CA ASN A 487 2.66 -4.05 11.96
C ASN A 487 3.70 -4.05 13.11
N ALA A 488 4.81 -4.72 12.83
CA ALA A 488 5.91 -4.85 13.79
C ALA A 488 7.12 -4.05 13.35
N ARG A 489 7.64 -3.24 14.25
CA ARG A 489 8.79 -2.41 14.00
C ARG A 489 9.38 -1.94 15.33
N LEU A 490 10.55 -1.35 15.23
CA LEU A 490 11.21 -0.85 16.45
C LEU A 490 11.17 0.68 16.41
N VAL A 491 10.85 1.33 17.53
CA VAL A 491 10.75 2.76 17.68
C VAL A 491 11.47 3.18 18.97
N LYS A 492 12.47 4.05 18.84
CA LYS A 492 13.22 4.45 20.05
C LYS A 492 12.28 5.07 21.05
N PRO A 493 12.64 4.96 22.33
CA PRO A 493 11.87 5.50 23.43
C PRO A 493 11.69 7.01 23.35
N TRP A 494 12.61 7.72 22.74
CA TRP A 494 12.52 9.16 22.59
C TRP A 494 11.70 9.59 21.38
N VAL A 495 11.14 8.68 20.61
CA VAL A 495 10.30 9.13 19.50
C VAL A 495 8.85 9.24 19.96
N GLY A 496 8.39 10.51 20.10
CA GLY A 496 7.01 10.69 20.52
C GLY A 496 6.06 10.91 19.32
N GLY A 497 4.78 10.60 19.56
CA GLY A 497 3.76 10.80 18.55
C GLY A 497 3.34 9.63 17.72
N TYR A 498 3.96 8.47 17.91
CA TYR A 498 3.59 7.29 17.10
C TYR A 498 2.72 6.40 17.99
N THR A 499 1.43 6.49 17.79
CA THR A 499 0.46 5.74 18.56
C THR A 499 0.34 4.28 18.22
N GLY A 500 0.52 3.91 16.94
CA GLY A 500 0.38 2.51 16.55
C GLY A 500 -1.12 2.18 16.35
N LYS A 501 -2.04 3.09 16.55
CA LYS A 501 -3.47 2.91 16.42
C LYS A 501 -4.01 3.00 15.01
N ASP A 502 -3.22 3.49 14.05
CA ASP A 502 -3.69 3.61 12.66
C ASP A 502 -3.41 2.31 11.96
N PRO A 503 -4.44 1.53 11.61
CA PRO A 503 -4.29 0.26 10.94
C PRO A 503 -3.76 0.38 9.52
N LEU A 504 -3.69 1.61 9.02
CA LEU A 504 -3.16 1.84 7.69
C LEU A 504 -1.69 2.31 7.79
N ASP A 505 -1.27 2.66 9.03
CA ASP A 505 0.10 3.13 9.27
C ASP A 505 0.48 4.30 8.38
N ASN A 506 -0.45 5.29 8.29
CA ASN A 506 -0.22 6.48 7.49
C ASN A 506 0.51 7.52 8.37
N ILE A 507 1.79 7.30 8.65
CA ILE A 507 2.57 8.20 9.47
C ILE A 507 2.96 9.48 8.76
N TYR A 508 2.92 10.58 9.50
CA TYR A 508 3.35 11.88 9.01
C TYR A 508 4.46 12.34 10.02
N VAL A 509 5.67 12.64 9.50
CA VAL A 509 6.74 13.07 10.43
C VAL A 509 6.39 14.39 11.11
N LYS A 510 5.50 15.22 10.52
CA LYS A 510 5.06 16.46 11.17
C LYS A 510 4.34 16.22 12.47
N ASN A 511 3.92 14.97 12.78
CA ASN A 511 3.21 14.60 13.98
C ASN A 511 4.13 14.03 15.09
N LEU A 512 5.38 13.79 14.73
CA LEU A 512 6.33 13.25 15.72
C LEU A 512 7.18 14.29 16.40
N TYR A 513 7.91 13.86 17.45
CA TYR A 513 8.81 14.80 18.17
C TYR A 513 9.87 13.97 18.91
N ILE A 514 11.04 14.60 19.16
CA ILE A 514 12.13 13.88 19.86
C ILE A 514 12.17 14.36 21.30
N ILE A 515 11.98 13.41 22.18
CA ILE A 515 12.00 13.72 23.64
C ILE A 515 13.48 13.79 24.02
N LYS A 516 13.78 14.70 24.93
CA LYS A 516 15.17 14.87 25.37
C LYS A 516 15.72 13.57 25.96
N HIS A 517 16.94 13.24 25.60
CA HIS A 517 17.58 12.01 26.10
C HIS A 517 19.08 12.18 25.98
N LYS B 1 -1.90 -0.05 -1.38
CA LYS B 1 -0.46 0.19 -1.77
C LYS B 1 0.27 -1.14 -1.64
N LYS B 2 1.24 -1.31 -2.50
CA LYS B 2 2.03 -2.54 -2.54
C LYS B 2 3.03 -2.55 -1.38
N LYS B 3 3.12 -3.76 -0.78
CA LYS B 3 4.07 -3.98 0.30
C LYS B 3 4.66 -5.43 0.15
#